data_2MB2
#
_entry.id   2MB2
#
_entity_poly.entity_id   1
_entity_poly.type   'polydeoxyribonucleotide'
_entity_poly.pdbx_seq_one_letter_code
;(DT)(DT)(DG)(DG)(DG)(DG)(DG)(DG)(DG)(DG)(DG)(DG)(DG)(DG)(DG)(DG)(DG)(DT)
;
_entity_poly.pdbx_strand_id   A
#